data_6A55
#
_entry.id   6A55
#
_cell.length_a   36.802
_cell.length_b   49.101
_cell.length_c   76.226
_cell.angle_alpha   90.00
_cell.angle_beta   100.14
_cell.angle_gamma   90.00
#
_symmetry.space_group_name_H-M   'P 1 21 1'
#
loop_
_entity.id
_entity.type
_entity.pdbx_description
1 polymer 'Novel protein with potential Cupin domain'
2 non-polymer 'MANGANESE (II) ION'
3 non-polymer '3-(dimethyl-lambda~4~-sulfanyl)propanoic acid'
4 water water
#
_entity_poly.entity_id   1
_entity_poly.type   'polypeptide(L)'
_entity_poly.pdbx_seq_one_letter_code
;MIFVKNLASVLSQEWSSTEKYPGVRWKFLIDADFDGSSGLSLGFAEIAPGGDLTLHYHSPAEIYVVTNGKGILNKSGKLE
TIKKGDVVYIAGNAEHALKNNGKETLEFYWIFPTDRFSEVEAFPAKQKSGHHHHHH
;
_entity_poly.pdbx_strand_id   A,B
#
loop_
_chem_comp.id
_chem_comp.type
_chem_comp.name
_chem_comp.formula
DQY non-polymer '3-(dimethyl-lambda~4~-sulfanyl)propanoic acid' 'C5 H12 O2 S'
MN non-polymer 'MANGANESE (II) ION' 'Mn 2'
#
# COMPACT_ATOMS: atom_id res chain seq x y z
N MET A 1 -0.35 8.56 16.54
CA MET A 1 -1.65 8.96 16.01
C MET A 1 -2.14 7.94 14.99
N ILE A 2 -3.44 7.96 14.73
CA ILE A 2 -4.05 7.17 13.68
C ILE A 2 -4.89 8.13 12.85
N PHE A 3 -4.75 8.06 11.53
CA PHE A 3 -5.55 8.92 10.67
C PHE A 3 -5.88 8.29 9.34
N VAL A 4 -6.92 8.82 8.71
CA VAL A 4 -7.46 8.32 7.46
C VAL A 4 -7.31 9.40 6.40
N LYS A 5 -6.78 9.04 5.22
CA LYS A 5 -6.71 9.98 4.11
C LYS A 5 -7.34 9.43 2.84
N ASN A 6 -7.74 10.34 1.97
CA ASN A 6 -8.11 10.02 0.60
C ASN A 6 -7.78 11.23 -0.25
N LEU A 7 -8.00 11.14 -1.55
CA LEU A 7 -7.70 12.26 -2.44
C LEU A 7 -8.35 13.57 -1.97
N ALA A 8 -9.58 13.48 -1.45
CA ALA A 8 -10.29 14.68 -1.03
C ALA A 8 -9.61 15.36 0.16
N SER A 9 -8.95 14.55 0.99
CA SER A 9 -8.23 15.05 2.16
C SER A 9 -7.14 16.02 1.76
N VAL A 10 -6.54 15.79 0.61
CA VAL A 10 -5.39 16.57 0.18
C VAL A 10 -5.72 17.53 -0.96
N LEU A 11 -6.98 17.94 -1.02
CA LEU A 11 -7.42 18.92 -2.01
C LEU A 11 -6.54 20.17 -2.02
N SER A 12 -6.12 20.62 -0.84
CA SER A 12 -5.40 21.89 -0.74
C SER A 12 -3.94 21.75 -1.12
N GLN A 13 -3.50 20.51 -1.31
CA GLN A 13 -2.14 20.22 -1.71
C GLN A 13 -2.08 20.19 -3.23
N GLU A 14 -1.18 20.98 -3.82
CA GLU A 14 -1.07 20.97 -5.27
C GLU A 14 -0.42 19.68 -5.75
N TRP A 15 -0.75 19.24 -6.96
CA TRP A 15 -0.09 18.10 -7.56
C TRP A 15 1.39 18.43 -7.74
N SER A 16 2.24 17.43 -7.47
CA SER A 16 3.67 17.57 -7.72
C SER A 16 4.00 16.91 -9.05
N SER A 17 5.07 17.39 -9.69
CA SER A 17 5.58 16.77 -10.91
C SER A 17 7.03 17.20 -11.12
N THR A 18 7.69 16.55 -12.07
CA THR A 18 9.09 16.86 -12.35
C THR A 18 9.37 16.56 -13.81
N GLU A 19 10.30 17.30 -14.40
CA GLU A 19 10.57 17.18 -15.83
C GLU A 19 11.03 15.79 -16.23
N LYS A 20 11.75 15.11 -15.34
CA LYS A 20 12.32 13.81 -15.67
C LYS A 20 11.27 12.71 -15.80
N TYR A 21 10.07 12.94 -15.27
CA TYR A 21 8.97 12.00 -15.40
C TYR A 21 7.80 12.58 -16.20
N PRO A 22 7.85 12.46 -17.53
CA PRO A 22 6.80 13.07 -18.36
C PRO A 22 5.44 12.41 -18.15
N GLY A 23 4.41 13.22 -17.91
CA GLY A 23 3.05 12.71 -17.77
C GLY A 23 2.69 12.16 -16.40
N VAL A 24 3.57 12.34 -15.43
CA VAL A 24 3.35 11.82 -14.08
C VAL A 24 3.08 12.96 -13.12
N ARG A 25 2.11 12.77 -12.22
CA ARG A 25 1.92 13.72 -11.13
C ARG A 25 1.52 12.98 -9.86
N TRP A 26 1.76 13.61 -8.71
CA TRP A 26 1.49 12.93 -7.46
C TRP A 26 1.13 13.84 -6.31
N LYS A 27 0.56 13.24 -5.27
CA LYS A 27 0.34 13.90 -4.00
C LYS A 27 0.78 12.98 -2.87
N PHE A 28 1.11 13.58 -1.74
CA PHE A 28 1.59 12.86 -0.58
C PHE A 28 0.45 12.71 0.43
N LEU A 29 0.07 11.47 0.73
CA LEU A 29 -1.06 11.22 1.63
CA LEU A 29 -1.06 11.25 1.64
C LEU A 29 -0.64 10.88 3.06
N ILE A 30 0.44 10.11 3.19
CA ILE A 30 0.99 9.75 4.49
C ILE A 30 2.48 10.08 4.46
N ASP A 31 2.87 11.16 5.14
CA ASP A 31 4.22 11.69 4.92
C ASP A 31 4.59 12.64 6.05
N ALA A 32 5.76 12.41 6.65
CA ALA A 32 6.21 13.22 7.79
C ALA A 32 6.33 14.71 7.47
N ASP A 33 6.50 15.05 6.19
CA ASP A 33 6.59 16.46 5.80
C ASP A 33 5.23 17.14 5.88
N PHE A 34 4.17 16.33 6.00
CA PHE A 34 2.81 16.85 6.08
C PHE A 34 2.05 16.39 7.33
N ASP A 35 2.40 15.22 7.86
CA ASP A 35 1.56 14.54 8.86
C ASP A 35 2.20 14.19 10.20
N GLY A 36 3.52 14.13 10.26
CA GLY A 36 4.15 13.70 11.50
C GLY A 36 3.93 12.21 11.76
N SER A 37 3.54 11.48 10.72
CA SER A 37 3.57 10.02 10.74
C SER A 37 5.02 9.59 10.59
N SER A 38 5.31 8.32 10.89
CA SER A 38 6.66 7.81 10.69
C SER A 38 6.65 6.33 10.33
N GLY A 39 7.76 5.85 9.80
CA GLY A 39 7.96 4.42 9.62
C GLY A 39 7.54 3.92 8.26
N LEU A 40 6.40 4.41 7.78
CA LEU A 40 5.94 4.18 6.42
C LEU A 40 5.48 5.51 5.85
N SER A 41 5.68 5.69 4.55
CA SER A 41 5.15 6.86 3.85
C SER A 41 4.46 6.41 2.57
N LEU A 42 3.44 7.14 2.16
CA LEU A 42 2.60 6.73 1.04
C LEU A 42 2.17 7.93 0.21
N GLY A 43 2.22 7.78 -1.11
CA GLY A 43 1.76 8.82 -2.00
C GLY A 43 0.81 8.22 -3.01
N PHE A 44 0.13 9.09 -3.77
CA PHE A 44 -0.75 8.67 -4.84
C PHE A 44 -0.29 9.31 -6.13
N ALA A 45 -0.15 8.51 -7.18
CA ALA A 45 0.36 9.01 -8.46
C ALA A 45 -0.59 8.71 -9.61
N GLU A 46 -0.61 9.63 -10.57
CA GLU A 46 -1.34 9.43 -11.81
C GLU A 46 -0.36 9.51 -12.98
N ILE A 47 -0.46 8.58 -13.90
CA ILE A 47 0.32 8.64 -15.12
C ILE A 47 -0.61 8.76 -16.33
N ALA A 48 -0.53 9.89 -17.01
CA ALA A 48 -1.37 10.14 -18.18
C ALA A 48 -0.94 9.21 -19.31
N PRO A 49 -1.86 8.96 -20.26
CA PRO A 49 -1.49 8.12 -21.41
C PRO A 49 -0.20 8.59 -22.07
N GLY A 50 0.73 7.66 -22.26
CA GLY A 50 2.02 7.96 -22.86
C GLY A 50 3.06 8.35 -21.82
N GLY A 51 2.61 8.61 -20.59
CA GLY A 51 3.49 9.05 -19.53
C GLY A 51 4.46 7.96 -19.07
N ASP A 52 5.57 8.38 -18.48
CA ASP A 52 6.61 7.44 -18.11
C ASP A 52 7.29 7.84 -16.79
N LEU A 53 7.14 6.99 -15.78
CA LEU A 53 7.94 7.11 -14.56
C LEU A 53 9.28 6.50 -14.96
N THR A 54 10.17 7.35 -15.43
CA THR A 54 11.41 6.91 -16.07
CA THR A 54 11.43 6.96 -16.05
C THR A 54 12.27 6.03 -15.19
N LEU A 55 13.03 5.16 -15.85
CA LEU A 55 13.90 4.20 -15.18
C LEU A 55 14.74 4.88 -14.11
N HIS A 56 14.67 4.36 -12.89
CA HIS A 56 15.39 4.92 -11.77
C HIS A 56 15.56 3.88 -10.67
N TYR A 57 16.28 4.26 -9.63
CA TYR A 57 16.40 3.41 -8.45
C TYR A 57 16.58 4.28 -7.22
N HIS A 58 16.44 3.65 -6.06
CA HIS A 58 16.68 4.34 -4.80
C HIS A 58 16.92 3.30 -3.72
N SER A 59 17.56 3.73 -2.62
CA SER A 59 18.02 2.81 -1.59
C SER A 59 16.93 1.93 -0.96
N PRO A 60 15.83 2.54 -0.53
CA PRO A 60 14.78 1.77 0.14
C PRO A 60 14.01 0.87 -0.81
N ALA A 61 13.49 -0.24 -0.30
CA ALA A 61 12.54 -1.04 -1.07
C ALA A 61 11.27 -0.22 -1.24
N GLU A 62 10.44 -0.61 -2.19
CA GLU A 62 9.24 0.14 -2.48
C GLU A 62 8.13 -0.81 -2.91
N ILE A 63 6.89 -0.42 -2.63
CA ILE A 63 5.73 -1.14 -3.12
C ILE A 63 4.84 -0.20 -3.94
N TYR A 64 4.33 -0.69 -5.07
CA TYR A 64 3.26 -0.01 -5.79
C TYR A 64 1.98 -0.78 -5.59
N VAL A 65 0.87 -0.06 -5.40
CA VAL A 65 -0.45 -0.67 -5.38
C VAL A 65 -1.26 -0.06 -6.53
N VAL A 66 -1.49 -0.84 -7.58
CA VAL A 66 -2.13 -0.32 -8.80
C VAL A 66 -3.65 -0.35 -8.66
N THR A 67 -4.27 0.81 -8.80
CA THR A 67 -5.69 0.95 -8.47
C THR A 67 -6.54 1.32 -9.69
N ASN A 68 -5.89 1.64 -10.80
CA ASN A 68 -6.62 1.95 -12.02
C ASN A 68 -5.73 1.94 -13.25
N GLY A 69 -6.29 1.51 -14.37
CA GLY A 69 -5.57 1.51 -15.63
C GLY A 69 -4.64 0.33 -15.82
N LYS A 70 -3.72 0.47 -16.77
CA LYS A 70 -2.76 -0.58 -17.06
C LYS A 70 -1.48 0.11 -17.46
N GLY A 71 -0.37 -0.60 -17.36
CA GLY A 71 0.89 -0.05 -17.81
C GLY A 71 1.93 -1.12 -18.03
N ILE A 72 3.15 -0.70 -18.32
CA ILE A 72 4.25 -1.62 -18.48
C ILE A 72 5.31 -1.35 -17.43
N LEU A 73 5.53 -2.34 -16.57
CA LEU A 73 6.56 -2.24 -15.55
C LEU A 73 7.88 -2.71 -16.14
N ASN A 74 8.91 -1.89 -16.00
CA ASN A 74 10.24 -2.28 -16.42
C ASN A 74 10.97 -2.82 -15.20
N LYS A 75 11.15 -4.14 -15.17
CA LYS A 75 11.84 -4.78 -14.06
C LYS A 75 13.32 -4.90 -14.37
N SER A 76 14.06 -3.81 -14.15
CA SER A 76 15.49 -3.77 -14.43
C SER A 76 15.80 -4.33 -15.81
N GLY A 77 14.95 -4.02 -16.79
CA GLY A 77 15.19 -4.44 -18.15
C GLY A 77 14.17 -5.43 -18.69
N LYS A 78 13.51 -6.16 -17.80
CA LYS A 78 12.51 -7.13 -18.22
C LYS A 78 11.11 -6.55 -18.07
N LEU A 79 10.38 -6.46 -19.17
CA LEU A 79 9.06 -5.85 -19.13
C LEU A 79 7.96 -6.80 -18.66
N GLU A 80 7.05 -6.29 -17.85
CA GLU A 80 5.86 -7.03 -17.46
C GLU A 80 4.67 -6.07 -17.39
N THR A 81 3.52 -6.50 -17.90
CA THR A 81 2.32 -5.69 -17.82
C THR A 81 1.78 -5.67 -16.41
N ILE A 82 1.27 -4.53 -16.00
CA ILE A 82 0.56 -4.44 -14.72
C ILE A 82 -0.78 -3.78 -14.92
N LYS A 83 -1.68 -3.98 -13.98
CA LYS A 83 -3.04 -3.46 -14.10
C LYS A 83 -3.69 -3.31 -12.74
N LYS A 84 -4.87 -2.70 -12.74
CA LYS A 84 -5.63 -2.52 -11.52
C LYS A 84 -5.73 -3.86 -10.80
N GLY A 85 -5.48 -3.86 -9.49
CA GLY A 85 -5.56 -5.08 -8.71
C GLY A 85 -4.19 -5.70 -8.44
N ASP A 86 -3.15 -5.18 -9.09
CA ASP A 86 -1.79 -5.66 -8.87
C ASP A 86 -1.09 -4.90 -7.76
N VAL A 87 -0.20 -5.59 -7.06
CA VAL A 87 0.79 -4.93 -6.22
C VAL A 87 2.18 -5.28 -6.75
N VAL A 88 3.14 -4.41 -6.49
CA VAL A 88 4.48 -4.59 -7.04
C VAL A 88 5.51 -4.40 -5.95
N TYR A 89 6.46 -5.31 -5.88
CA TYR A 89 7.57 -5.15 -4.95
C TYR A 89 8.81 -4.78 -5.71
N ILE A 90 9.50 -3.74 -5.26
CA ILE A 90 10.76 -3.31 -5.85
C ILE A 90 11.86 -3.37 -4.78
N ALA A 91 12.82 -4.27 -4.94
CA ALA A 91 13.90 -4.38 -3.96
C ALA A 91 14.71 -3.09 -3.96
N GLY A 92 15.35 -2.79 -2.83
CA GLY A 92 16.21 -1.63 -2.75
C GLY A 92 17.25 -1.62 -3.87
N ASN A 93 17.44 -0.45 -4.48
CA ASN A 93 18.42 -0.25 -5.54
C ASN A 93 18.16 -0.97 -6.88
N ALA A 94 17.03 -1.64 -6.98
CA ALA A 94 16.66 -2.26 -8.25
C ALA A 94 16.14 -1.19 -9.20
N GLU A 95 16.65 -1.17 -10.42
CA GLU A 95 16.22 -0.19 -11.42
C GLU A 95 14.82 -0.54 -11.92
N HIS A 96 13.94 0.45 -11.93
CA HIS A 96 12.57 0.22 -12.37
C HIS A 96 11.96 1.44 -13.04
N ALA A 97 10.97 1.18 -13.88
CA ALA A 97 10.25 2.23 -14.59
C ALA A 97 8.81 1.78 -14.75
N LEU A 98 7.93 2.74 -15.00
CA LEU A 98 6.54 2.42 -15.23
C LEU A 98 6.00 3.29 -16.35
N LYS A 99 5.52 2.66 -17.42
CA LYS A 99 5.03 3.36 -18.59
C LYS A 99 3.54 3.13 -18.73
N ASN A 100 2.79 4.19 -19.03
CA ASN A 100 1.37 4.04 -19.35
C ASN A 100 1.16 3.96 -20.86
N ASN A 101 0.93 2.75 -21.35
CA ASN A 101 0.72 2.53 -22.77
C ASN A 101 -0.75 2.38 -23.10
N GLY A 102 -1.61 2.74 -22.14
CA GLY A 102 -3.05 2.61 -22.30
C GLY A 102 -3.76 3.94 -22.51
N LYS A 103 -5.07 3.88 -22.66
CA LYS A 103 -5.86 5.08 -22.94
C LYS A 103 -6.42 5.71 -21.67
N GLU A 104 -6.54 4.91 -20.62
CA GLU A 104 -7.01 5.42 -19.34
C GLU A 104 -5.83 5.86 -18.47
N THR A 105 -6.11 6.70 -17.48
CA THR A 105 -5.08 7.10 -16.54
C THR A 105 -4.60 5.90 -15.74
N LEU A 106 -3.29 5.77 -15.58
CA LEU A 106 -2.71 4.72 -14.76
C LEU A 106 -2.52 5.31 -13.37
N GLU A 107 -3.15 4.69 -12.37
CA GLU A 107 -3.15 5.22 -11.02
C GLU A 107 -2.63 4.19 -10.04
N PHE A 108 -1.84 4.66 -9.07
CA PHE A 108 -1.31 3.75 -8.06
C PHE A 108 -0.86 4.51 -6.83
N TYR A 109 -0.85 3.82 -5.68
CA TYR A 109 -0.16 4.32 -4.51
C TYR A 109 1.25 3.77 -4.55
N TRP A 110 2.18 4.52 -3.99
CA TRP A 110 3.49 3.94 -3.68
C TRP A 110 3.69 4.00 -2.18
N ILE A 111 4.47 3.05 -1.65
CA ILE A 111 4.83 3.04 -0.24
C ILE A 111 6.33 2.84 -0.07
N PHE A 112 6.95 3.66 0.78
CA PHE A 112 8.35 3.47 1.16
C PHE A 112 8.42 3.17 2.65
N PRO A 113 9.44 2.41 3.07
CA PRO A 113 9.66 2.18 4.50
C PRO A 113 10.44 3.36 5.09
N THR A 114 9.95 4.57 4.86
CA THR A 114 10.59 5.78 5.36
C THR A 114 9.54 6.70 5.96
N ASP A 115 9.97 7.70 6.72
CA ASP A 115 9.03 8.66 7.30
C ASP A 115 8.45 9.57 6.22
N ARG A 116 9.25 9.87 5.21
CA ARG A 116 8.86 10.86 4.22
C ARG A 116 9.50 10.63 2.86
N PHE A 117 8.82 11.14 1.83
CA PHE A 117 9.27 10.97 0.46
C PHE A 117 10.61 11.65 0.25
N SER A 118 10.82 12.77 0.93
CA SER A 118 12.04 13.55 0.72
C SER A 118 13.29 12.87 1.26
N GLU A 119 13.10 11.77 2.00
CA GLU A 119 14.24 10.98 2.47
C GLU A 119 14.72 10.03 1.40
N VAL A 120 13.93 9.89 0.33
CA VAL A 120 14.25 8.92 -0.70
C VAL A 120 14.84 9.62 -1.92
N GLU A 121 16.12 9.37 -2.16
CA GLU A 121 16.83 10.01 -3.26
C GLU A 121 16.76 9.11 -4.48
N ALA A 122 16.11 9.61 -5.53
CA ALA A 122 15.96 8.83 -6.76
C ALA A 122 17.10 9.13 -7.72
N PHE A 123 17.78 8.08 -8.16
CA PHE A 123 18.88 8.22 -9.09
C PHE A 123 18.46 7.67 -10.44
N PRO A 124 18.79 8.39 -11.53
CA PRO A 124 18.47 7.89 -12.87
C PRO A 124 19.34 6.69 -13.21
N ALA A 125 18.84 5.78 -14.03
CA ALA A 125 19.60 4.61 -14.42
C ALA A 125 20.86 5.00 -15.20
N MET B 1 15.23 -8.32 -6.30
CA MET B 1 14.15 -8.85 -7.11
C MET B 1 13.05 -7.81 -7.28
N ILE B 2 12.30 -7.92 -8.39
CA ILE B 2 11.13 -7.09 -8.63
C ILE B 2 10.05 -8.05 -9.08
N PHE B 3 8.86 -7.97 -8.48
CA PHE B 3 7.79 -8.86 -8.89
C PHE B 3 6.41 -8.26 -8.72
N VAL B 4 5.44 -8.87 -9.41
CA VAL B 4 4.06 -8.42 -9.42
C VAL B 4 3.17 -9.51 -8.84
N LYS B 5 2.21 -9.13 -8.00
CA LYS B 5 1.27 -10.08 -7.43
C LYS B 5 -0.16 -9.57 -7.53
N ASN B 6 -1.09 -10.51 -7.59
CA ASN B 6 -2.52 -10.25 -7.51
C ASN B 6 -3.17 -11.49 -6.96
N LEU B 7 -4.49 -11.48 -6.78
CA LEU B 7 -5.16 -12.66 -6.23
C LEU B 7 -4.97 -13.89 -7.10
N ALA B 8 -4.96 -13.72 -8.41
CA ALA B 8 -4.68 -14.83 -9.30
C ALA B 8 -3.31 -15.45 -8.98
N SER B 9 -2.31 -14.60 -8.71
CA SER B 9 -0.95 -15.05 -8.46
C SER B 9 -0.83 -15.97 -7.24
N VAL B 10 -1.71 -15.76 -6.27
CA VAL B 10 -1.64 -16.50 -5.02
C VAL B 10 -2.80 -17.49 -4.83
N LEU B 11 -3.37 -17.94 -5.95
CA LEU B 11 -4.46 -18.90 -5.92
C LEU B 11 -4.08 -20.14 -5.13
N SER B 12 -2.83 -20.57 -5.28
CA SER B 12 -2.34 -21.80 -4.66
C SER B 12 -2.17 -21.66 -3.15
N GLN B 13 -1.98 -20.43 -2.69
CA GLN B 13 -1.85 -20.17 -1.26
C GLN B 13 -3.21 -20.27 -0.59
N GLU B 14 -3.29 -20.99 0.52
CA GLU B 14 -4.54 -21.10 1.24
C GLU B 14 -4.82 -19.82 2.00
N TRP B 15 -6.10 -19.51 2.21
CA TRP B 15 -6.43 -18.37 3.06
C TRP B 15 -5.97 -18.64 4.49
N SER B 16 -5.37 -17.62 5.11
CA SER B 16 -5.05 -17.66 6.52
C SER B 16 -6.19 -17.08 7.34
N SER B 17 -6.41 -17.67 8.51
CA SER B 17 -7.33 -17.11 9.49
C SER B 17 -6.95 -17.64 10.87
N THR B 18 -7.53 -17.04 11.89
CA THR B 18 -7.32 -17.47 13.27
C THR B 18 -8.61 -17.25 14.04
N GLU B 19 -8.85 -18.07 15.05
CA GLU B 19 -10.03 -17.88 15.89
C GLU B 19 -9.92 -16.57 16.65
N LYS B 20 -8.73 -15.97 16.61
CA LYS B 20 -8.51 -14.67 17.23
C LYS B 20 -9.36 -13.58 16.57
N TYR B 21 -9.60 -13.71 15.27
CA TYR B 21 -10.31 -12.71 14.50
C TYR B 21 -11.40 -13.36 13.66
N PRO B 22 -12.57 -13.59 14.26
CA PRO B 22 -13.70 -14.20 13.53
C PRO B 22 -14.11 -13.37 12.33
N GLY B 23 -14.35 -14.02 11.20
CA GLY B 23 -14.81 -13.35 10.00
C GLY B 23 -13.72 -12.63 9.23
N VAL B 24 -12.46 -12.81 9.64
CA VAL B 24 -11.34 -12.20 8.94
C VAL B 24 -10.47 -13.28 8.29
N ARG B 25 -9.99 -13.02 7.09
CA ARG B 25 -9.07 -13.95 6.43
C ARG B 25 -8.08 -13.15 5.61
N TRP B 26 -6.93 -13.74 5.29
CA TRP B 26 -5.91 -13.02 4.53
C TRP B 26 -4.98 -13.90 3.74
N LYS B 27 -4.34 -13.29 2.74
CA LYS B 27 -3.23 -13.92 2.05
C LYS B 27 -2.04 -12.97 2.03
N PHE B 28 -0.85 -13.54 1.92
CA PHE B 28 0.36 -12.73 1.85
C PHE B 28 0.76 -12.57 0.41
N LEU B 29 0.98 -11.32 -0.01
CA LEU B 29 1.30 -11.02 -1.40
CA LEU B 29 1.31 -11.04 -1.41
C LEU B 29 2.75 -10.62 -1.57
N ILE B 30 3.27 -9.88 -0.59
CA ILE B 30 4.68 -9.49 -0.57
C ILE B 30 5.21 -9.79 0.81
N ASP B 31 6.06 -10.80 0.93
CA ASP B 31 6.42 -11.31 2.25
C ASP B 31 7.66 -12.18 2.18
N ALA B 32 8.60 -11.95 3.08
CA ALA B 32 9.85 -12.71 3.07
C ALA B 32 9.63 -14.23 3.08
N ASP B 33 8.61 -14.69 3.80
CA ASP B 33 8.37 -16.12 3.93
C ASP B 33 8.00 -16.76 2.60
N PHE B 34 7.48 -15.95 1.67
CA PHE B 34 7.07 -16.45 0.38
C PHE B 34 8.00 -16.02 -0.75
N ASP B 35 8.50 -14.78 -0.66
CA ASP B 35 9.16 -14.16 -1.79
C ASP B 35 10.64 -13.86 -1.56
N GLY B 36 11.08 -13.96 -0.32
CA GLY B 36 12.46 -13.61 0.00
C GLY B 36 12.67 -12.12 -0.04
N SER B 37 11.57 -11.37 -0.06
CA SER B 37 11.62 -9.91 -0.12
C SER B 37 11.93 -9.32 1.25
N SER B 38 12.27 -8.03 1.29
CA SER B 38 12.63 -7.37 2.54
C SER B 38 12.24 -5.90 2.58
N GLY B 39 12.23 -5.32 3.78
CA GLY B 39 11.99 -3.90 3.94
C GLY B 39 10.54 -3.53 4.14
N LEU B 40 9.68 -4.11 3.30
CA LEU B 40 8.25 -3.90 3.38
C LEU B 40 7.57 -5.23 3.14
N SER B 41 6.42 -5.42 3.75
CA SER B 41 5.61 -6.60 3.49
C SER B 41 4.14 -6.18 3.36
N LEU B 42 3.38 -6.95 2.60
CA LEU B 42 2.01 -6.57 2.31
C LEU B 42 1.13 -7.80 2.19
N GLY B 43 -0.07 -7.71 2.74
CA GLY B 43 -1.05 -8.76 2.60
C GLY B 43 -2.39 -8.20 2.15
N PHE B 44 -3.27 -9.11 1.77
CA PHE B 44 -4.63 -8.76 1.38
C PHE B 44 -5.56 -9.40 2.37
N ALA B 45 -6.45 -8.60 2.96
CA ALA B 45 -7.36 -9.07 3.99
C ALA B 45 -8.81 -8.85 3.58
N GLU B 46 -9.67 -9.73 4.05
CA GLU B 46 -11.12 -9.58 3.90
C GLU B 46 -11.75 -9.69 5.27
N ILE B 47 -12.73 -8.84 5.53
CA ILE B 47 -13.55 -8.95 6.72
C ILE B 47 -15.00 -9.13 6.29
N ALA B 48 -15.59 -10.27 6.67
CA ALA B 48 -16.97 -10.55 6.32
C ALA B 48 -17.90 -9.65 7.13
N PRO B 49 -19.14 -9.51 6.68
CA PRO B 49 -20.11 -8.75 7.47
C PRO B 49 -20.15 -9.24 8.92
N GLY B 50 -20.06 -8.31 9.87
CA GLY B 50 -20.07 -8.65 11.28
C GLY B 50 -18.71 -9.06 11.81
N GLY B 51 -17.75 -9.24 10.91
CA GLY B 51 -16.40 -9.59 11.28
C GLY B 51 -15.70 -8.45 11.98
N ASP B 52 -14.73 -8.79 12.83
CA ASP B 52 -14.03 -7.76 13.58
C ASP B 52 -12.56 -8.09 13.70
N LEU B 53 -11.73 -7.21 13.15
CA LEU B 53 -10.30 -7.26 13.42
C LEU B 53 -10.13 -6.57 14.76
N THR B 54 -10.09 -7.39 15.81
CA THR B 54 -10.27 -6.93 17.18
C THR B 54 -9.21 -5.94 17.64
N LEU B 55 -9.61 -5.04 18.51
CA LEU B 55 -8.72 -3.99 19.02
C LEU B 55 -7.37 -4.59 19.45
N HIS B 56 -6.30 -4.07 18.88
CA HIS B 56 -4.96 -4.61 19.15
C HIS B 56 -3.88 -3.59 18.83
N TYR B 57 -2.64 -3.93 19.16
CA TYR B 57 -1.52 -3.07 18.83
C TYR B 57 -0.28 -3.87 18.53
N HIS B 58 0.69 -3.23 17.90
CA HIS B 58 1.97 -3.87 17.62
C HIS B 58 3.02 -2.81 17.35
N SER B 59 4.27 -3.20 17.55
CA SER B 59 5.41 -2.29 17.49
C SER B 59 5.54 -1.48 16.20
N PRO B 60 5.49 -2.14 15.03
CA PRO B 60 5.72 -1.42 13.78
C PRO B 60 4.54 -0.54 13.39
N ALA B 61 4.81 0.55 12.67
CA ALA B 61 3.75 1.32 12.03
C ALA B 61 3.04 0.44 11.00
N GLU B 62 1.82 0.82 10.63
CA GLU B 62 1.05 0.07 9.65
C GLU B 62 0.22 0.99 8.76
N ILE B 63 0.03 0.55 7.51
CA ILE B 63 -0.88 1.23 6.59
C ILE B 63 -1.95 0.24 6.12
N TYR B 64 -3.20 0.72 6.02
CA TYR B 64 -4.25 -0.01 5.34
C TYR B 64 -4.59 0.73 4.06
N VAL B 65 -4.87 -0.01 2.99
CA VAL B 65 -5.37 0.59 1.77
C VAL B 65 -6.68 -0.10 1.47
N VAL B 66 -7.79 0.61 1.62
CA VAL B 66 -9.10 0.00 1.47
C VAL B 66 -9.49 -0.09 0.00
N THR B 67 -9.78 -1.31 -0.46
CA THR B 67 -10.07 -1.54 -1.87
C THR B 67 -11.54 -1.82 -2.13
N ASN B 68 -12.28 -2.14 -1.07
CA ASN B 68 -13.70 -2.40 -1.24
C ASN B 68 -14.49 -2.43 0.06
N GLY B 69 -15.77 -2.08 -0.04
CA GLY B 69 -16.65 -2.13 1.10
C GLY B 69 -16.46 -0.96 2.03
N LYS B 70 -17.01 -1.09 3.23
CA LYS B 70 -16.96 -0.04 4.24
C LYS B 70 -16.72 -0.68 5.59
N GLY B 71 -16.08 0.06 6.48
CA GLY B 71 -15.87 -0.43 7.82
C GLY B 71 -15.79 0.69 8.82
N ILE B 72 -15.77 0.33 10.10
CA ILE B 72 -15.58 1.30 11.16
C ILE B 72 -14.20 1.09 11.76
N LEU B 73 -13.34 2.09 11.58
CA LEU B 73 -12.00 2.04 12.13
C LEU B 73 -12.03 2.57 13.55
N ASN B 74 -11.49 1.80 14.48
CA ASN B 74 -11.38 2.26 15.85
C ASN B 74 -10.00 2.87 16.07
N LYS B 75 -9.96 4.19 16.14
CA LYS B 75 -8.72 4.92 16.34
C LYS B 75 -8.48 5.14 17.83
N SER B 76 -8.06 4.10 18.53
CA SER B 76 -7.80 4.19 19.96
C SER B 76 -8.98 4.82 20.70
N GLY B 77 -10.19 4.37 20.38
CA GLY B 77 -11.38 4.84 21.06
C GLY B 77 -12.25 5.83 20.28
N LYS B 78 -11.68 6.42 19.24
CA LYS B 78 -12.42 7.33 18.39
C LYS B 78 -12.72 6.65 17.07
N LEU B 79 -13.99 6.45 16.77
CA LEU B 79 -14.40 5.68 15.61
C LEU B 79 -14.51 6.57 14.36
N GLU B 80 -14.15 5.99 13.21
CA GLU B 80 -14.30 6.69 11.94
C GLU B 80 -14.61 5.70 10.83
N THR B 81 -15.57 6.04 10.00
CA THR B 81 -15.91 5.19 8.87
C THR B 81 -14.83 5.27 7.79
N ILE B 82 -14.50 4.12 7.22
CA ILE B 82 -13.60 4.09 6.08
C ILE B 82 -14.25 3.33 4.94
N LYS B 83 -13.78 3.58 3.72
CA LYS B 83 -14.39 3.00 2.53
C LYS B 83 -13.35 2.90 1.44
N LYS B 84 -13.74 2.27 0.34
CA LYS B 84 -12.87 2.17 -0.83
C LYS B 84 -12.25 3.52 -1.16
N GLY B 85 -10.94 3.52 -1.40
CA GLY B 85 -10.23 4.74 -1.73
C GLY B 85 -9.54 5.43 -0.56
N ASP B 86 -9.84 4.96 0.65
CA ASP B 86 -9.17 5.49 1.83
C ASP B 86 -7.86 4.76 2.08
N VAL B 87 -6.90 5.49 2.63
CA VAL B 87 -5.72 4.87 3.21
C VAL B 87 -5.71 5.23 4.69
N VAL B 88 -5.12 4.36 5.50
CA VAL B 88 -5.07 4.56 6.93
C VAL B 88 -3.64 4.47 7.41
N TYR B 89 -3.22 5.42 8.24
CA TYR B 89 -1.93 5.33 8.90
C TYR B 89 -2.15 4.98 10.36
N ILE B 90 -1.47 3.94 10.83
CA ILE B 90 -1.54 3.54 12.23
C ILE B 90 -0.14 3.62 12.82
N ALA B 91 0.08 4.54 13.75
CA ALA B 91 1.38 4.68 14.38
C ALA B 91 1.72 3.40 15.15
N GLY B 92 3.01 3.10 15.24
CA GLY B 92 3.47 1.98 16.02
C GLY B 92 2.88 2.02 17.41
N ASN B 93 2.41 0.87 17.88
CA ASN B 93 1.86 0.70 19.23
C ASN B 93 0.53 1.42 19.49
N ALA B 94 -0.05 2.04 18.47
CA ALA B 94 -1.37 2.64 18.62
C ALA B 94 -2.44 1.56 18.58
N GLU B 95 -3.42 1.67 19.46
CA GLU B 95 -4.47 0.68 19.54
C GLU B 95 -5.50 0.90 18.44
N HIS B 96 -5.77 -0.15 17.67
CA HIS B 96 -6.68 -0.03 16.53
C HIS B 96 -7.48 -1.29 16.29
N ALA B 97 -8.64 -1.11 15.67
CA ALA B 97 -9.53 -2.21 15.34
C ALA B 97 -10.27 -1.84 14.06
N LEU B 98 -10.83 -2.84 13.39
CA LEU B 98 -11.56 -2.61 12.16
C LEU B 98 -12.74 -3.54 12.09
N LYS B 99 -13.94 -2.97 12.10
CA LYS B 99 -15.17 -3.74 12.08
C LYS B 99 -15.90 -3.54 10.74
N ASN B 100 -16.44 -4.62 10.19
CA ASN B 100 -17.30 -4.51 9.02
C ASN B 100 -18.77 -4.51 9.44
N ASN B 101 -19.38 -3.34 9.42
CA ASN B 101 -20.78 -3.19 9.79
C ASN B 101 -21.69 -3.18 8.57
N GLY B 102 -21.09 -3.39 7.39
CA GLY B 102 -21.84 -3.32 6.15
C GLY B 102 -22.26 -4.66 5.59
N LYS B 103 -22.88 -4.64 4.41
CA LYS B 103 -23.42 -5.84 3.80
C LYS B 103 -22.43 -6.49 2.82
N GLU B 104 -21.48 -5.70 2.34
CA GLU B 104 -20.48 -6.22 1.41
C GLU B 104 -19.17 -6.52 2.12
N THR B 105 -18.33 -7.33 1.50
CA THR B 105 -17.04 -7.67 2.08
C THR B 105 -16.21 -6.41 2.19
N LEU B 106 -15.55 -6.24 3.32
CA LEU B 106 -14.57 -5.18 3.50
C LEU B 106 -13.22 -5.76 3.12
N GLU B 107 -12.59 -5.18 2.12
CA GLU B 107 -11.35 -5.70 1.61
C GLU B 107 -10.28 -4.60 1.65
N PHE B 108 -9.07 -4.97 2.02
CA PHE B 108 -7.99 -3.99 2.11
C PHE B 108 -6.65 -4.66 2.07
N TYR B 109 -5.64 -3.91 1.66
CA TYR B 109 -4.26 -4.33 1.83
C TYR B 109 -3.77 -3.78 3.14
N TRP B 110 -2.86 -4.51 3.80
CA TRP B 110 -2.11 -3.91 4.89
C TRP B 110 -0.64 -3.93 4.51
N ILE B 111 0.11 -2.99 5.05
CA ILE B 111 1.54 -2.91 4.81
C ILE B 111 2.30 -2.65 6.11
N PHE B 112 3.38 -3.40 6.32
CA PHE B 112 4.26 -3.21 7.48
C PHE B 112 5.66 -2.89 6.98
N PRO B 113 6.42 -2.09 7.73
CA PRO B 113 7.82 -1.86 7.41
C PRO B 113 8.69 -3.00 7.96
N THR B 114 8.28 -4.23 7.67
CA THR B 114 8.98 -5.42 8.13
C THR B 114 9.15 -6.40 6.98
N ASP B 115 10.12 -7.30 7.10
CA ASP B 115 10.39 -8.25 6.04
C ASP B 115 9.23 -9.21 5.85
N ARG B 116 8.51 -9.50 6.93
CA ARG B 116 7.46 -10.52 6.88
C ARG B 116 6.41 -10.26 7.94
N PHE B 117 5.21 -10.80 7.70
CA PHE B 117 4.11 -10.69 8.65
C PHE B 117 4.41 -11.44 9.95
N SER B 118 5.01 -12.61 9.84
CA SER B 118 5.14 -13.50 10.99
C SER B 118 6.01 -12.92 12.11
N GLU B 119 6.80 -11.89 11.80
CA GLU B 119 7.65 -11.28 12.82
C GLU B 119 6.94 -10.20 13.62
N VAL B 120 5.74 -9.83 13.19
CA VAL B 120 4.95 -8.82 13.89
C VAL B 120 4.18 -9.47 15.03
N GLU B 121 4.40 -9.00 16.25
CA GLU B 121 3.68 -9.53 17.40
C GLU B 121 2.56 -8.59 17.77
N ALA B 122 1.33 -9.06 17.61
CA ALA B 122 0.17 -8.27 17.96
C ALA B 122 -0.33 -8.62 19.36
N PHE B 123 -0.73 -7.59 20.10
CA PHE B 123 -1.28 -7.78 21.43
C PHE B 123 -2.70 -7.24 21.48
N PRO B 124 -3.62 -8.05 22.02
CA PRO B 124 -4.98 -7.55 22.24
C PRO B 124 -4.94 -6.40 23.23
N ALA B 125 -5.69 -5.33 22.98
CA ALA B 125 -5.74 -4.21 23.90
C ALA B 125 -6.91 -4.38 24.85
MN MN C . 10.56 4.10 -7.43
S DQY D . 6.93 9.55 -7.68
C1 DQY D . 8.88 6.05 -7.45
O1 DQY D . 10.04 6.39 -7.11
C2 DQY D . 7.80 7.09 -7.62
O2 DQY D . 8.60 4.84 -7.68
C3 DQY D . 8.33 8.49 -7.53
CM1 DQY D . 5.50 8.80 -8.11
CM2 DQY D . 6.55 10.73 -6.55
MN MN E . -2.76 -4.02 12.98
S DQY F . -4.36 -9.40 9.73
C1 DQY F . -3.16 -5.95 11.37
O1 DQY F . -3.95 -4.99 11.54
C2 DQY F . -3.46 -7.00 10.34
O2 DQY F . -2.13 -6.05 12.09
C3 DQY F . -3.66 -8.35 10.96
CM1 DQY F . -3.41 -10.63 9.12
CM2 DQY F . -5.34 -8.86 8.48
#